data_1SM3
#
_entry.id   1SM3
#
_cell.length_a   42.200
_cell.length_b   83.730
_cell.length_c   67.240
_cell.angle_alpha   90.00
_cell.angle_beta   93.30
_cell.angle_gamma   90.00
#
_symmetry.space_group_name_H-M   'P 1 21 1'
#
loop_
_entity.id
_entity.type
_entity.pdbx_description
1 polymer 'SM3 ANTIBODY'
2 polymer 'SM3 ANTIBODY'
3 polymer 'PEPTIDE EPITOPE'
4 non-polymer 'CADMIUM ION'
5 non-polymer 'CHLORIDE ION'
6 water water
#
loop_
_entity_poly.entity_id
_entity_poly.type
_entity_poly.pdbx_seq_one_letter_code
_entity_poly.pdbx_strand_id
1 'polypeptide(L)'
;DIVVTQESALTTSPGETVTLTCRSSTGAVTTSNYANWVQEKPDHLFTGLIGGTNNRAPGVPARFSGSLIGDKAALTITGA
QTEDEAIYFCALWYSNHWVFGGGTKLTVLGSEKSSPSVTLFPPSSEELETNKATLVCTITDFYPGVVTVDWKVDGTPVTQ
GMETTQPSKQSNNKYMASSYLTLTARAWERHSSYSCQVTHEGHTVEKSLSRADCS
;
L
2 'polypeptide(L)'
;QVQLQESGGGLVQPGGSMKLSCVASGFTFSNYWMNWVRQSPEKGLEWVAEIRLKSNNYATHYAESVKGRFTISRDDSKSS
VYLQMNNLRAEDTGIYYCTGVGQFAYWGQGTTVTVSSAKTTPPTVYPLAPGSNAASQSMVTLGCLVKGYFPEPVTVTWNS
GSLASGVHTFPAVLQSDLYTLSSSVTVPSSTWPSETVTCNVAHPASSTKVDAKIVPRD
;
H
3 'polypeptide(L)' TSAPDTRPAPGST P
#
# COMPACT_ATOMS: atom_id res chain seq x y z
N ILE A 2 9.79 12.59 15.95
CA ILE A 2 11.02 11.80 15.68
C ILE A 2 10.84 11.03 14.41
N VAL A 3 11.88 10.98 13.58
CA VAL A 3 11.79 10.30 12.29
C VAL A 3 12.75 9.11 12.20
N VAL A 4 12.18 7.95 11.87
CA VAL A 4 12.92 6.71 11.76
C VAL A 4 13.12 6.38 10.29
N THR A 5 14.36 6.33 9.83
CA THR A 5 14.63 6.13 8.38
C THR A 5 15.21 4.74 8.04
N GLN A 6 14.71 4.15 6.93
CA GLN A 6 15.18 2.85 6.43
C GLN A 6 15.51 3.02 4.94
N GLU A 7 16.20 2.02 4.35
CA GLU A 7 16.50 2.04 2.92
C GLU A 7 15.25 1.74 2.15
N SER A 8 15.03 2.41 1.02
CA SER A 8 13.78 2.16 0.32
C SER A 8 13.70 0.82 -0.29
N ALA A 9 14.75 0.32 -0.90
CA ALA A 9 14.66 -1.02 -1.46
C ALA A 9 16.02 -1.60 -1.59
N LEU A 10 16.11 -2.90 -1.55
CA LEU A 10 17.39 -3.58 -1.73
C LEU A 10 17.12 -4.85 -2.54
N THR A 11 18.09 -5.30 -3.35
CA THR A 11 17.96 -6.51 -4.17
C THR A 11 19.10 -7.51 -3.87
N THR A 12 18.80 -8.76 -3.82
CA THR A 12 19.84 -9.70 -3.57
C THR A 12 19.56 -11.02 -4.27
N SER A 13 20.62 -11.73 -4.64
CA SER A 13 20.40 -13.04 -5.19
C SER A 13 20.20 -13.93 -4.03
N PRO A 14 19.46 -15.00 -4.17
CA PRO A 14 19.25 -15.90 -3.07
C PRO A 14 20.61 -16.47 -2.60
N GLY A 15 20.72 -16.83 -1.31
CA GLY A 15 21.96 -17.38 -0.78
C GLY A 15 22.93 -16.33 -0.31
N GLU A 16 22.70 -15.09 -0.61
CA GLU A 16 23.59 -14.09 -0.12
C GLU A 16 23.03 -13.47 1.14
N THR A 17 23.87 -12.71 1.83
CA THR A 17 23.47 -12.05 3.09
C THR A 17 23.16 -10.60 2.81
N VAL A 18 22.15 -10.08 3.48
CA VAL A 18 21.80 -8.67 3.34
C VAL A 18 21.62 -8.06 4.74
N THR A 19 22.00 -6.82 4.86
CA THR A 19 21.74 -6.08 6.06
C THR A 19 20.95 -4.81 5.71
N LEU A 20 19.85 -4.64 6.45
CA LEU A 20 18.99 -3.48 6.40
C LEU A 20 19.27 -2.66 7.63
N THR A 21 19.33 -1.32 7.54
CA THR A 21 19.51 -0.52 8.73
C THR A 21 18.30 0.39 9.07
N CYS A 22 18.36 0.96 10.25
CA CYS A 22 17.28 1.74 10.78
C CYS A 22 17.84 2.82 11.66
N ARG A 23 17.69 4.09 11.28
CA ARG A 23 18.25 5.16 12.09
C ARG A 23 17.21 6.04 12.69
N SER A 24 17.62 6.70 13.77
CA SER A 24 16.75 7.62 14.48
C SER A 24 17.24 9.06 14.21
N SER A 25 16.33 9.98 13.98
CA SER A 25 16.69 11.38 13.73
C SER A 25 17.17 12.09 15.02
N THR A 26 17.07 11.43 16.16
CA THR A 26 17.41 12.10 17.40
C THR A 26 18.82 11.77 17.86
N GLY A 27 19.34 10.65 17.39
CA GLY A 27 20.69 10.27 17.73
C GLY A 27 20.86 8.81 17.52
N ALA A 28 21.88 8.25 18.16
CA ALA A 28 22.17 6.81 18.05
C ALA A 28 21.02 5.95 18.51
N VAL A 29 20.79 4.87 17.80
CA VAL A 29 19.86 3.88 18.27
C VAL A 29 20.61 2.95 19.26
N THR A 30 20.07 2.83 20.48
CA THR A 30 20.68 1.96 21.53
C THR A 30 19.71 0.85 21.95
N THR A 31 20.10 0.04 22.90
CA THR A 31 19.25 -1.06 23.33
C THR A 31 17.99 -0.55 23.98
N SER A 32 18.04 0.69 24.42
CA SER A 32 16.89 1.28 25.05
C SER A 32 15.78 1.60 24.06
N ASN A 33 16.06 1.48 22.77
CA ASN A 33 15.02 1.74 21.75
C ASN A 33 14.30 0.47 21.40
N TYR A 34 14.70 -0.63 22.05
CA TYR A 34 14.15 -1.94 21.81
C TYR A 34 13.67 -2.12 20.34
N ALA A 35 14.59 -1.87 19.37
CA ALA A 35 14.22 -1.97 17.94
C ALA A 35 13.52 -3.26 17.57
N ASN A 36 12.35 -3.16 16.87
CA ASN A 36 11.66 -4.33 16.32
C ASN A 36 11.78 -4.36 14.81
N TRP A 37 11.65 -5.56 14.24
CA TRP A 37 11.61 -5.71 12.80
C TRP A 37 10.42 -6.54 12.47
N VAL A 38 9.61 -6.02 11.55
CA VAL A 38 8.35 -6.60 11.15
C VAL A 38 8.34 -6.80 9.63
N GLN A 39 7.84 -7.94 9.22
CA GLN A 39 7.78 -8.29 7.83
C GLN A 39 6.37 -8.21 7.27
N GLU A 40 6.25 -7.58 6.09
CA GLU A 40 4.96 -7.54 5.41
C GLU A 40 5.02 -8.33 4.09
N LYS A 41 4.26 -9.41 4.01
CA LYS A 41 4.15 -10.12 2.78
C LYS A 41 2.83 -9.79 2.05
N PRO A 42 2.85 -9.86 0.71
CA PRO A 42 1.69 -9.58 -0.10
C PRO A 42 0.38 -10.04 0.53
N ASP A 43 -0.49 -9.02 0.71
CA ASP A 43 -1.83 -9.14 1.29
C ASP A 43 -1.86 -8.60 2.70
N HIS A 44 -0.98 -7.65 3.01
CA HIS A 44 -1.00 -7.05 4.35
C HIS A 44 -0.78 -8.09 5.41
N LEU A 45 0.08 -9.07 5.15
CA LEU A 45 0.36 -10.08 6.13
C LEU A 45 1.57 -9.65 6.90
N PHE A 46 1.37 -9.30 8.17
CA PHE A 46 2.45 -8.81 8.99
C PHE A 46 2.90 -9.84 10.02
N THR A 47 4.17 -9.88 10.31
CA THR A 47 4.67 -10.81 11.26
C THR A 47 5.93 -10.23 11.84
N GLY A 48 6.06 -10.31 13.15
CA GLY A 48 7.23 -9.79 13.82
C GLY A 48 8.36 -10.77 13.76
N LEU A 49 9.53 -10.23 13.48
CA LEU A 49 10.73 -11.05 13.31
C LEU A 49 11.66 -10.91 14.53
N ILE A 50 11.93 -9.66 14.92
CA ILE A 50 12.85 -9.30 15.98
C ILE A 50 12.17 -8.30 16.94
N GLY A 51 12.41 -8.47 18.26
CA GLY A 51 11.97 -7.53 19.26
C GLY A 51 13.11 -7.25 20.22
N GLY A 52 13.08 -6.15 20.88
CA GLY A 52 14.13 -5.87 21.80
C GLY A 52 15.51 -6.00 21.19
N THR A 53 15.71 -5.33 20.06
CA THR A 53 17.02 -5.29 19.35
C THR A 53 17.45 -6.59 18.65
N ASN A 54 17.42 -7.74 19.35
CA ASN A 54 17.96 -8.97 18.77
C ASN A 54 17.28 -10.23 19.22
N ASN A 55 16.10 -10.11 19.78
CA ASN A 55 15.37 -11.29 20.20
C ASN A 55 14.43 -11.72 19.06
N ARG A 56 14.72 -12.81 18.46
CA ARG A 56 13.94 -13.27 17.39
C ARG A 56 12.62 -13.81 17.91
N ALA A 57 11.50 -13.38 17.30
CA ALA A 57 10.16 -13.84 17.67
C ALA A 57 10.10 -15.34 17.46
N PRO A 58 9.22 -16.05 18.15
CA PRO A 58 9.14 -17.50 18.00
C PRO A 58 8.73 -17.94 16.61
N GLY A 59 9.35 -19.01 16.14
CA GLY A 59 9.04 -19.54 14.81
C GLY A 59 9.85 -18.88 13.70
N VAL A 60 10.35 -17.67 13.93
CA VAL A 60 11.13 -16.98 12.92
C VAL A 60 12.45 -17.72 12.63
N PRO A 61 12.75 -17.97 11.30
CA PRO A 61 13.97 -18.65 10.85
C PRO A 61 15.23 -18.10 11.44
N ALA A 62 16.10 -19.02 11.73
CA ALA A 62 17.34 -18.69 12.35
C ALA A 62 18.15 -17.71 11.49
N ARG A 63 17.94 -17.71 10.16
CA ARG A 63 18.71 -16.79 9.27
C ARG A 63 18.48 -15.30 9.54
N PHE A 64 17.48 -14.97 10.38
CA PHE A 64 17.18 -13.56 10.69
C PHE A 64 17.85 -13.17 11.99
N SER A 65 18.63 -12.03 12.00
CA SER A 65 19.23 -11.57 13.24
C SER A 65 19.16 -10.07 13.35
N GLY A 66 18.86 -9.56 14.57
CA GLY A 66 18.85 -8.15 14.84
C GLY A 66 20.11 -7.73 15.52
N SER A 67 20.51 -6.52 15.36
CA SER A 67 21.74 -6.12 15.96
C SER A 67 21.82 -4.66 15.93
N LEU A 68 22.93 -4.13 16.44
CA LEU A 68 23.18 -2.69 16.50
C LEU A 68 24.52 -2.49 15.78
N ILE A 69 24.54 -1.69 14.70
CA ILE A 69 25.77 -1.44 13.94
C ILE A 69 26.00 0.08 13.94
N GLY A 70 27.07 0.54 14.56
CA GLY A 70 27.27 1.97 14.64
C GLY A 70 26.07 2.57 15.38
N ASP A 71 25.57 3.74 14.92
CA ASP A 71 24.42 4.36 15.61
C ASP A 71 23.07 3.86 15.11
N LYS A 72 23.01 2.72 14.44
CA LYS A 72 21.73 2.27 13.93
C LYS A 72 21.36 0.89 14.33
N ALA A 73 20.04 0.61 14.30
CA ALA A 73 19.62 -0.76 14.45
C ALA A 73 19.71 -1.43 13.07
N ALA A 74 19.94 -2.73 13.04
CA ALA A 74 20.10 -3.43 11.78
C ALA A 74 19.48 -4.81 11.84
N LEU A 75 19.03 -5.24 10.67
CA LEU A 75 18.47 -6.57 10.48
C LEU A 75 19.30 -7.28 9.44
N THR A 76 19.75 -8.45 9.75
CA THR A 76 20.57 -9.19 8.84
C THR A 76 19.95 -10.47 8.50
N ILE A 77 19.84 -10.72 7.23
CA ILE A 77 19.35 -11.97 6.77
C ILE A 77 20.52 -12.71 6.14
N THR A 78 20.97 -13.79 6.79
CA THR A 78 22.11 -14.58 6.29
C THR A 78 21.65 -15.72 5.39
N GLY A 79 22.03 -15.68 4.11
CA GLY A 79 21.59 -16.72 3.18
C GLY A 79 20.15 -16.49 2.83
N ALA A 80 19.82 -15.26 2.47
CA ALA A 80 18.42 -14.89 2.16
C ALA A 80 17.77 -15.86 1.16
N GLN A 81 16.49 -16.16 1.37
CA GLN A 81 15.75 -17.04 0.50
C GLN A 81 14.70 -16.27 -0.34
N THR A 82 14.16 -16.91 -1.37
CA THR A 82 13.23 -16.22 -2.28
C THR A 82 11.97 -15.81 -1.55
N GLU A 83 11.61 -16.62 -0.56
CA GLU A 83 10.46 -16.38 0.28
C GLU A 83 10.66 -15.13 1.13
N ASP A 84 11.85 -14.51 1.10
CA ASP A 84 12.09 -13.35 1.90
C ASP A 84 11.82 -12.06 1.13
N GLU A 85 11.48 -12.16 -0.18
CA GLU A 85 11.10 -10.93 -0.88
C GLU A 85 9.87 -10.41 -0.14
N ALA A 86 9.95 -9.22 0.43
CA ALA A 86 8.88 -8.70 1.26
C ALA A 86 9.27 -7.32 1.71
N ILE A 87 8.44 -6.63 2.48
CA ILE A 87 8.83 -5.30 2.96
C ILE A 87 9.15 -5.46 4.45
N TYR A 88 10.15 -4.77 4.91
CA TYR A 88 10.61 -4.90 6.32
C TYR A 88 10.55 -3.60 7.00
N PHE A 89 9.80 -3.54 8.07
CA PHE A 89 9.69 -2.28 8.84
C PHE A 89 10.42 -2.40 10.14
N CYS A 90 10.99 -1.31 10.60
CA CYS A 90 11.57 -1.33 11.92
C CYS A 90 10.80 -0.35 12.77
N ALA A 91 10.73 -0.61 14.05
CA ALA A 91 10.03 0.28 14.96
C ALA A 91 10.97 0.57 16.15
N LEU A 92 11.04 1.82 16.60
CA LEU A 92 11.88 2.19 17.70
C LEU A 92 11.05 2.77 18.86
N TRP A 93 11.46 2.41 20.12
CA TRP A 93 10.74 2.82 21.34
C TRP A 93 11.37 4.03 21.92
N TYR A 94 10.55 5.03 22.20
CA TYR A 94 11.06 6.23 22.80
C TYR A 94 10.37 6.46 24.14
N SER A 95 10.80 5.67 25.13
CA SER A 95 10.31 5.78 26.54
C SER A 95 8.85 5.35 26.78
N ASN A 96 7.94 5.83 25.92
CA ASN A 96 6.54 5.55 26.10
C ASN A 96 5.77 5.67 24.77
N HIS A 97 6.48 5.56 23.66
CA HIS A 97 5.82 5.52 22.36
C HIS A 97 6.72 4.91 21.31
N TRP A 98 6.13 4.50 20.19
CA TRP A 98 6.88 3.86 19.13
C TRP A 98 6.80 4.69 17.91
N VAL A 99 7.90 4.66 17.15
CA VAL A 99 7.94 5.26 15.81
C VAL A 99 8.43 4.23 14.82
N PHE A 100 7.65 4.05 13.74
CA PHE A 100 7.98 3.08 12.73
C PHE A 100 8.76 3.73 11.60
N GLY A 101 9.60 2.94 10.94
CA GLY A 101 10.36 3.40 9.81
C GLY A 101 9.51 3.31 8.57
N GLY A 102 10.02 3.82 7.44
CA GLY A 102 9.25 3.80 6.20
C GLY A 102 9.16 2.47 5.50
N GLY A 103 9.98 1.51 5.89
CA GLY A 103 9.94 0.21 5.24
C GLY A 103 10.96 0.17 4.14
N THR A 104 11.57 -1.03 3.98
CA THR A 104 12.58 -1.33 2.93
C THR A 104 11.99 -2.42 2.08
N LYS A 105 11.87 -2.26 0.75
CA LYS A 105 11.38 -3.39 -0.03
C LYS A 105 12.52 -4.32 -0.33
N LEU A 106 12.40 -5.59 0.02
CA LEU A 106 13.47 -6.50 -0.29
C LEU A 106 13.15 -7.37 -1.46
N THR A 107 14.02 -7.35 -2.48
CA THR A 107 13.89 -8.29 -3.57
C THR A 107 14.95 -9.40 -3.41
N VAL A 108 14.50 -10.63 -3.45
CA VAL A 108 15.40 -11.78 -3.53
C VAL A 108 15.10 -12.43 -4.89
N LEU A 109 15.97 -12.09 -5.85
CA LEU A 109 15.82 -12.49 -7.21
C LEU A 109 15.38 -13.89 -7.26
N GLY A 110 14.11 -14.09 -7.59
CA GLY A 110 13.55 -15.42 -7.68
C GLY A 110 13.14 -15.79 -9.10
N SER A 111 13.52 -14.93 -10.05
CA SER A 111 13.23 -15.14 -11.46
C SER A 111 14.09 -14.22 -12.24
N GLU A 112 14.06 -14.37 -13.54
CA GLU A 112 14.88 -13.60 -14.40
C GLU A 112 14.36 -12.18 -14.43
N LYS A 113 15.23 -11.18 -14.53
CA LYS A 113 14.73 -9.82 -14.57
C LYS A 113 13.91 -9.58 -15.83
N SER A 114 12.89 -8.74 -15.70
CA SER A 114 11.96 -8.45 -16.78
C SER A 114 11.69 -6.94 -16.83
N SER A 115 11.85 -6.33 -18.01
CA SER A 115 11.62 -4.92 -18.19
C SER A 115 10.13 -4.58 -18.19
N PRO A 116 9.75 -3.38 -17.77
CA PRO A 116 8.35 -3.03 -17.76
C PRO A 116 7.80 -2.82 -19.17
N SER A 117 6.60 -3.30 -19.41
CA SER A 117 5.90 -2.99 -20.62
C SER A 117 5.01 -1.76 -20.35
N VAL A 118 5.34 -0.68 -21.04
CA VAL A 118 4.69 0.62 -20.86
C VAL A 118 3.67 0.94 -21.95
N THR A 119 2.56 1.50 -21.56
CA THR A 119 1.56 1.95 -22.51
C THR A 119 1.06 3.29 -22.04
N LEU A 120 1.04 4.27 -22.95
CA LEU A 120 0.55 5.59 -22.61
C LEU A 120 -0.73 5.93 -23.44
N PHE A 121 -1.74 6.40 -22.76
CA PHE A 121 -3.01 6.72 -23.39
C PHE A 121 -3.32 8.18 -23.26
N PRO A 122 -3.81 8.77 -24.35
CA PRO A 122 -4.19 10.18 -24.40
C PRO A 122 -5.55 10.38 -23.77
N PRO A 123 -5.94 11.60 -23.44
CA PRO A 123 -7.26 11.88 -22.88
C PRO A 123 -8.37 11.63 -23.89
N SER A 124 -9.49 11.11 -23.43
CA SER A 124 -10.60 10.81 -24.34
C SER A 124 -11.30 12.12 -24.70
N SER A 125 -12.05 12.08 -25.80
CA SER A 125 -12.77 13.27 -26.23
C SER A 125 -13.88 13.55 -25.22
N GLU A 126 -14.50 12.46 -24.73
CA GLU A 126 -15.59 12.59 -23.76
C GLU A 126 -15.11 13.26 -22.49
N GLU A 127 -13.94 12.86 -21.99
CA GLU A 127 -13.40 13.50 -20.83
C GLU A 127 -13.11 14.94 -21.10
N LEU A 128 -12.48 15.23 -22.26
CA LEU A 128 -12.09 16.62 -22.61
C LEU A 128 -13.25 17.61 -22.56
N GLU A 129 -14.42 17.13 -22.90
CA GLU A 129 -15.58 18.00 -22.87
C GLU A 129 -15.79 18.59 -21.49
N THR A 130 -15.37 17.82 -20.44
CA THR A 130 -15.50 18.27 -19.02
C THR A 130 -14.39 19.22 -18.65
N ASN A 131 -13.60 19.64 -19.65
CA ASN A 131 -12.47 20.54 -19.46
C ASN A 131 -11.33 19.92 -18.63
N LYS A 132 -11.27 18.60 -18.66
CA LYS A 132 -10.24 17.85 -17.98
C LYS A 132 -9.54 16.89 -18.94
N ALA A 133 -8.27 16.65 -18.71
CA ALA A 133 -7.49 15.72 -19.52
C ALA A 133 -6.55 14.88 -18.63
N THR A 134 -6.80 13.55 -18.62
CA THR A 134 -5.99 12.63 -17.88
C THR A 134 -5.28 11.71 -18.83
N LEU A 135 -3.96 11.63 -18.70
CA LEU A 135 -3.17 10.70 -19.48
C LEU A 135 -2.88 9.49 -18.61
N VAL A 136 -3.08 8.30 -19.10
CA VAL A 136 -2.86 7.12 -18.29
C VAL A 136 -1.64 6.36 -18.76
N CYS A 137 -0.78 6.00 -17.85
CA CYS A 137 0.40 5.21 -18.21
C CYS A 137 0.33 3.90 -17.46
N THR A 138 0.15 2.79 -18.15
CA THR A 138 0.12 1.54 -17.48
C THR A 138 1.49 0.90 -17.58
N ILE A 139 1.85 0.06 -16.62
CA ILE A 139 3.25 -0.45 -16.55
C ILE A 139 3.18 -1.88 -16.03
N THR A 140 3.56 -2.88 -16.81
CA THR A 140 3.36 -4.23 -16.38
C THR A 140 4.59 -5.08 -16.63
N ASP A 141 4.54 -6.30 -16.06
CA ASP A 141 5.54 -7.38 -16.28
C ASP A 141 6.98 -7.03 -15.96
N PHE A 142 7.22 -6.25 -14.91
CA PHE A 142 8.62 -5.94 -14.53
C PHE A 142 9.02 -6.71 -13.30
N TYR A 143 10.32 -7.06 -13.24
CA TYR A 143 10.92 -7.73 -12.09
C TYR A 143 12.39 -7.40 -12.08
N PRO A 144 12.99 -6.81 -10.99
CA PRO A 144 12.36 -6.43 -9.70
C PRO A 144 11.12 -5.54 -9.82
N GLY A 145 10.28 -5.60 -8.81
CA GLY A 145 9.11 -4.75 -8.76
C GLY A 145 9.39 -3.34 -8.28
N VAL A 146 10.44 -2.74 -8.74
CA VAL A 146 10.66 -1.36 -8.38
C VAL A 146 10.90 -0.51 -9.62
N VAL A 147 10.14 0.59 -9.76
CA VAL A 147 10.24 1.52 -10.91
C VAL A 147 10.03 2.93 -10.44
N THR A 148 10.71 3.89 -11.07
CA THR A 148 10.39 5.26 -10.85
C THR A 148 9.75 5.76 -12.13
N VAL A 149 8.68 6.57 -11.99
CA VAL A 149 7.92 7.08 -13.14
C VAL A 149 8.14 8.58 -13.22
N ASP A 150 8.47 9.05 -14.41
CA ASP A 150 8.72 10.44 -14.62
C ASP A 150 7.91 10.91 -15.82
N TRP A 151 7.16 11.98 -15.64
CA TRP A 151 6.31 12.53 -16.72
C TRP A 151 6.95 13.78 -17.29
N LYS A 152 6.82 13.98 -18.60
CA LYS A 152 7.36 15.18 -19.18
C LYS A 152 6.36 15.78 -20.16
N VAL A 153 6.34 17.12 -20.19
CA VAL A 153 5.48 17.88 -21.12
C VAL A 153 6.35 18.81 -21.99
N ASP A 154 6.43 18.50 -23.30
CA ASP A 154 7.29 19.28 -24.22
C ASP A 154 8.72 19.24 -23.70
N GLY A 155 9.03 18.10 -23.20
CA GLY A 155 10.37 17.85 -22.73
C GLY A 155 10.65 18.30 -21.31
N THR A 156 9.76 19.05 -20.69
CA THR A 156 10.04 19.54 -19.33
C THR A 156 9.41 18.62 -18.25
N PRO A 157 10.12 18.42 -17.13
CA PRO A 157 9.64 17.53 -16.06
C PRO A 157 8.40 18.07 -15.33
N VAL A 158 7.38 17.24 -15.18
CA VAL A 158 6.22 17.73 -14.43
C VAL A 158 6.38 17.40 -12.90
N THR A 159 5.90 18.31 -12.05
CA THR A 159 6.00 18.13 -10.63
C THR A 159 4.66 18.25 -9.97
N GLN A 160 3.62 18.32 -10.75
CA GLN A 160 2.32 18.51 -10.21
C GLN A 160 1.30 17.77 -11.03
N GLY A 161 0.28 17.24 -10.41
CA GLY A 161 -0.76 16.54 -11.15
C GLY A 161 -0.44 15.08 -11.54
N MET A 162 0.67 14.51 -11.09
CA MET A 162 0.97 13.13 -11.41
C MET A 162 0.81 12.26 -10.18
N GLU A 163 0.31 11.06 -10.36
CA GLU A 163 0.05 10.19 -9.27
C GLU A 163 0.30 8.78 -9.70
N THR A 164 1.24 8.11 -9.00
CA THR A 164 1.64 6.72 -9.33
C THR A 164 1.24 5.72 -8.23
N THR A 165 0.86 4.49 -8.64
CA THR A 165 0.44 3.46 -7.70
C THR A 165 1.61 2.53 -7.36
N GLN A 166 1.56 1.93 -6.19
CA GLN A 166 2.63 1.07 -5.75
C GLN A 166 2.56 -0.18 -6.50
N PRO A 167 3.69 -0.66 -7.04
CA PRO A 167 3.73 -1.90 -7.81
C PRO A 167 3.01 -2.96 -7.06
N SER A 168 2.42 -3.86 -7.76
CA SER A 168 1.71 -4.93 -7.09
C SER A 168 2.03 -6.15 -7.85
N LYS A 169 2.03 -7.26 -7.20
CA LYS A 169 2.49 -8.46 -7.85
C LYS A 169 1.46 -9.04 -8.74
N GLN A 170 1.91 -9.55 -9.89
CA GLN A 170 1.05 -10.27 -10.81
C GLN A 170 1.13 -11.73 -10.46
N SER A 171 0.19 -12.49 -10.94
CA SER A 171 0.17 -13.93 -10.67
C SER A 171 1.52 -14.58 -10.99
N ASN A 172 2.26 -13.99 -11.91
CA ASN A 172 3.50 -14.58 -12.29
C ASN A 172 4.60 -13.97 -11.53
N ASN A 173 4.26 -13.35 -10.47
CA ASN A 173 5.23 -12.76 -9.58
C ASN A 173 6.05 -11.67 -10.17
N LYS A 174 5.72 -11.22 -11.35
CA LYS A 174 6.31 -10.00 -11.83
C LYS A 174 5.41 -8.89 -11.29
N TYR A 175 5.67 -7.64 -11.58
CA TYR A 175 4.90 -6.59 -10.99
C TYR A 175 4.21 -5.70 -11.99
N MET A 176 3.16 -5.01 -11.51
CA MET A 176 2.45 -4.07 -12.33
C MET A 176 2.23 -2.75 -11.57
N ALA A 177 2.03 -1.66 -12.29
CA ALA A 177 1.83 -0.35 -11.68
C ALA A 177 1.20 0.58 -12.72
N SER A 178 0.74 1.74 -12.28
CA SER A 178 0.11 2.69 -13.17
C SER A 178 0.41 4.12 -12.72
N SER A 179 0.41 5.07 -13.68
CA SER A 179 0.63 6.45 -13.31
C SER A 179 -0.36 7.31 -14.11
N TYR A 180 -0.68 8.47 -13.57
CA TYR A 180 -1.68 9.33 -14.11
C TYR A 180 -1.17 10.73 -14.13
N LEU A 181 -1.45 11.44 -15.19
CA LEU A 181 -1.18 12.83 -15.26
C LEU A 181 -2.48 13.53 -15.52
N THR A 182 -2.81 14.45 -14.66
CA THR A 182 -4.06 15.16 -14.72
C THR A 182 -3.81 16.60 -15.12
N LEU A 183 -4.50 16.99 -16.17
CA LEU A 183 -4.32 18.26 -16.78
C LEU A 183 -5.67 18.86 -16.99
N THR A 184 -5.71 20.16 -17.10
CA THR A 184 -6.92 20.83 -17.56
C THR A 184 -6.95 20.61 -19.07
N ALA A 185 -8.09 20.78 -19.69
CA ALA A 185 -8.12 20.67 -21.15
C ALA A 185 -7.19 21.75 -21.80
N ARG A 186 -7.14 22.95 -21.23
CA ARG A 186 -6.30 24.00 -21.79
C ARG A 186 -4.84 23.57 -21.81
N ALA A 187 -4.32 23.04 -20.70
CA ALA A 187 -2.96 22.58 -20.67
C ALA A 187 -2.77 21.48 -21.72
N TRP A 188 -3.74 20.61 -21.86
CA TRP A 188 -3.63 19.51 -22.80
C TRP A 188 -3.48 19.97 -24.26
N GLU A 189 -4.28 20.96 -24.67
CA GLU A 189 -4.22 21.42 -26.06
C GLU A 189 -2.99 22.26 -26.34
N ARG A 190 -2.38 22.79 -25.31
CA ARG A 190 -1.30 23.72 -25.52
C ARG A 190 0.05 23.07 -25.83
N HIS A 191 0.20 21.79 -25.51
CA HIS A 191 1.50 21.12 -25.72
C HIS A 191 1.36 20.03 -26.78
N SER A 192 2.47 19.73 -27.48
CA SER A 192 2.44 18.67 -28.50
C SER A 192 3.03 17.37 -27.97
N SER A 193 4.02 17.49 -27.11
CA SER A 193 4.76 16.33 -26.60
C SER A 193 4.37 15.97 -25.18
N TYR A 194 4.07 14.71 -24.99
CA TYR A 194 3.78 14.17 -23.64
C TYR A 194 4.51 12.82 -23.49
N SER A 195 5.13 12.55 -22.34
CA SER A 195 5.90 11.34 -22.24
C SER A 195 5.83 10.71 -20.87
N CYS A 196 5.62 9.41 -20.81
CA CYS A 196 5.72 8.69 -19.55
C CYS A 196 7.03 7.93 -19.52
N GLN A 197 7.91 8.22 -18.56
CA GLN A 197 9.22 7.57 -18.52
C GLN A 197 9.41 6.73 -17.29
N VAL A 198 9.62 5.45 -17.49
CA VAL A 198 9.72 4.51 -16.41
C VAL A 198 11.13 3.90 -16.28
N THR A 199 11.86 4.32 -15.25
CA THR A 199 13.21 3.78 -14.99
C THR A 199 13.12 2.53 -14.14
N HIS A 200 13.67 1.39 -14.66
CA HIS A 200 13.69 0.11 -13.96
C HIS A 200 15.09 -0.47 -13.99
N GLU A 201 15.77 -0.42 -12.84
CA GLU A 201 17.14 -0.90 -12.73
C GLU A 201 18.07 -0.13 -13.65
N GLY A 202 17.98 1.19 -13.60
CA GLY A 202 18.92 2.02 -14.33
C GLY A 202 18.64 2.16 -15.81
N HIS A 203 17.57 1.51 -16.31
CA HIS A 203 17.25 1.62 -17.74
C HIS A 203 15.87 2.20 -17.87
N THR A 204 15.76 3.29 -18.62
CA THR A 204 14.48 3.98 -18.78
C THR A 204 13.69 3.47 -19.99
N VAL A 205 12.44 3.00 -19.74
CA VAL A 205 11.50 2.63 -20.82
C VAL A 205 10.49 3.78 -20.98
N GLU A 206 10.30 4.30 -22.18
CA GLU A 206 9.46 5.46 -22.35
C GLU A 206 8.40 5.30 -23.44
N LYS A 207 7.26 5.90 -23.21
CA LYS A 207 6.27 6.03 -24.24
C LYS A 207 5.89 7.47 -24.33
N SER A 208 5.54 7.88 -25.55
CA SER A 208 5.24 9.27 -25.81
C SER A 208 4.05 9.40 -26.67
N LEU A 209 3.40 10.54 -26.52
CA LEU A 209 2.28 10.93 -27.35
C LEU A 209 2.68 12.21 -28.08
N SER A 210 2.38 12.27 -29.35
CA SER A 210 2.52 13.52 -30.08
C SER A 210 1.10 14.03 -30.28
N ARG A 211 0.88 15.29 -29.99
CA ARG A 211 -0.43 15.87 -30.10
C ARG A 211 -0.36 16.94 -31.23
N GLN B 1 -2.90 -22.59 17.82
CA GLN B 1 -2.30 -21.55 16.91
C GLN B 1 -2.84 -20.18 17.26
N VAL B 2 -1.94 -19.22 17.46
CA VAL B 2 -2.32 -17.86 17.79
C VAL B 2 -3.10 -17.23 16.67
N GLN B 3 -4.03 -16.40 17.03
CA GLN B 3 -4.79 -15.70 16.05
C GLN B 3 -5.32 -14.41 16.63
N LEU B 4 -5.03 -13.31 15.98
CA LEU B 4 -5.62 -12.01 16.32
C LEU B 4 -6.61 -11.65 15.21
N GLN B 5 -7.81 -11.20 15.55
CA GLN B 5 -8.83 -10.94 14.53
C GLN B 5 -9.57 -9.65 14.83
N GLU B 6 -9.30 -8.63 14.01
CA GLU B 6 -9.91 -7.32 14.23
C GLU B 6 -11.31 -7.29 13.72
N SER B 7 -12.03 -6.24 14.09
CA SER B 7 -13.42 -6.07 13.70
C SER B 7 -13.84 -4.65 13.86
N GLY B 8 -14.96 -4.29 13.21
CA GLY B 8 -15.57 -3.02 13.48
C GLY B 8 -15.22 -1.93 12.52
N GLY B 9 -14.35 -2.18 11.54
CA GLY B 9 -14.02 -1.10 10.61
C GLY B 9 -15.19 -0.70 9.68
N GLY B 10 -15.12 0.49 9.11
CA GLY B 10 -16.14 0.91 8.16
C GLY B 10 -15.84 2.27 7.61
N LEU B 11 -16.83 2.82 6.90
CA LEU B 11 -16.77 4.18 6.31
C LEU B 11 -17.41 5.14 7.29
N VAL B 12 -16.83 6.30 7.50
CA VAL B 12 -17.35 7.25 8.45
C VAL B 12 -17.04 8.68 7.95
N GLN B 13 -17.88 9.66 8.26
CA GLN B 13 -17.60 11.02 7.84
C GLN B 13 -16.78 11.70 8.89
N PRO B 14 -16.05 12.73 8.56
CA PRO B 14 -15.31 13.44 9.56
C PRO B 14 -16.24 13.84 10.69
N GLY B 15 -15.75 13.71 11.93
CA GLY B 15 -16.58 13.94 13.11
C GLY B 15 -17.14 12.63 13.61
N GLY B 16 -17.00 11.60 12.81
CA GLY B 16 -17.56 10.33 13.15
C GLY B 16 -16.89 9.63 14.34
N SER B 17 -17.44 8.51 14.70
CA SER B 17 -17.00 7.74 15.85
C SER B 17 -17.20 6.24 15.53
N MET B 18 -16.28 5.35 15.94
CA MET B 18 -16.50 3.91 15.80
C MET B 18 -15.63 3.14 16.78
N LYS B 19 -15.99 1.90 17.01
CA LYS B 19 -15.23 1.08 17.88
C LYS B 19 -14.81 -0.19 17.19
N LEU B 20 -13.51 -0.45 17.27
CA LEU B 20 -12.93 -1.62 16.72
C LEU B 20 -12.69 -2.63 17.83
N SER B 21 -12.78 -3.86 17.46
CA SER B 21 -12.57 -4.93 18.37
C SER B 21 -11.57 -5.91 17.82
N CYS B 22 -10.79 -6.52 18.72
CA CYS B 22 -9.81 -7.54 18.35
C CYS B 22 -9.83 -8.67 19.37
N VAL B 23 -10.03 -9.86 18.89
CA VAL B 23 -10.07 -11.01 19.76
C VAL B 23 -8.89 -11.88 19.49
N ALA B 24 -8.22 -12.26 20.59
CA ALA B 24 -7.01 -13.09 20.54
C ALA B 24 -7.30 -14.53 20.94
N SER B 25 -6.59 -15.46 20.36
CA SER B 25 -6.78 -16.83 20.74
C SER B 25 -5.49 -17.58 20.55
N GLY B 26 -5.40 -18.75 21.17
CA GLY B 26 -4.22 -19.60 20.97
C GLY B 26 -3.01 -19.24 21.82
N PHE B 27 -3.22 -18.36 22.84
CA PHE B 27 -2.20 -17.93 23.78
C PHE B 27 -2.85 -17.13 24.93
N THR B 28 -2.08 -16.90 25.97
CA THR B 28 -2.58 -16.20 27.12
C THR B 28 -2.55 -14.72 26.94
N PHE B 29 -3.65 -14.23 26.33
CA PHE B 29 -3.80 -12.80 26.03
C PHE B 29 -3.55 -11.93 27.23
N SER B 30 -4.03 -12.40 28.43
CA SER B 30 -3.89 -11.63 29.70
C SER B 30 -2.44 -11.27 30.08
N ASN B 31 -1.47 -12.08 29.58
CA ASN B 31 -0.06 -11.93 29.94
C ASN B 31 0.70 -10.87 29.15
N TYR B 32 0.15 -10.40 28.03
CA TYR B 32 0.86 -9.42 27.21
C TYR B 32 0.12 -8.12 27.02
N TRP B 33 0.89 -7.06 26.81
CA TRP B 33 0.34 -5.82 26.44
C TRP B 33 -0.13 -5.98 25.00
N MET B 34 -1.09 -5.12 24.61
CA MET B 34 -1.60 -5.10 23.25
C MET B 34 -1.48 -3.67 22.68
N ASN B 35 -1.31 -3.52 21.36
CA ASN B 35 -1.17 -2.20 20.73
C ASN B 35 -2.10 -2.12 19.51
N TRP B 36 -2.42 -0.90 19.11
CA TRP B 36 -3.08 -0.68 17.83
C TRP B 36 -2.08 0.02 16.93
N VAL B 37 -1.98 -0.43 15.71
CA VAL B 37 -1.08 0.18 14.75
C VAL B 37 -1.84 0.29 13.42
N ARG B 38 -1.79 1.43 12.76
CA ARG B 38 -2.56 1.59 11.51
C ARG B 38 -1.66 1.76 10.25
N GLN B 39 -2.16 1.33 9.12
CA GLN B 39 -1.39 1.47 7.90
C GLN B 39 -2.16 2.36 6.88
N SER B 40 -1.52 3.51 6.48
CA SER B 40 -2.10 4.43 5.50
C SER B 40 -1.11 4.66 4.36
N PRO B 41 -1.59 4.89 3.09
CA PRO B 41 -0.71 5.13 1.91
C PRO B 41 0.29 6.30 2.13
N GLU B 42 -0.25 7.42 2.57
CA GLU B 42 0.56 8.61 2.80
C GLU B 42 1.51 8.51 4.03
N LYS B 43 1.36 7.46 4.84
CA LYS B 43 2.07 7.42 6.10
C LYS B 43 2.73 6.10 6.46
N GLY B 44 2.61 5.07 5.64
CA GLY B 44 3.15 3.78 6.05
C GLY B 44 2.56 3.38 7.42
N LEU B 45 3.40 2.75 8.29
CA LEU B 45 2.91 2.28 9.64
C LEU B 45 2.98 3.36 10.69
N GLU B 46 1.91 3.47 11.46
CA GLU B 46 1.87 4.46 12.51
C GLU B 46 1.28 3.83 13.79
N TRP B 47 2.06 3.87 14.85
CA TRP B 47 1.62 3.31 16.11
C TRP B 47 0.64 4.28 16.73
N VAL B 48 -0.42 3.75 17.22
CA VAL B 48 -1.52 4.55 17.69
C VAL B 48 -1.71 4.48 19.26
N ALA B 49 -1.66 3.26 19.83
CA ALA B 49 -1.93 3.13 21.26
C ALA B 49 -1.45 1.78 21.77
N GLU B 50 -1.15 1.75 23.09
CA GLU B 50 -0.79 0.50 23.79
C GLU B 50 -1.60 0.43 25.08
N ILE B 51 -1.82 -0.78 25.57
CA ILE B 51 -2.46 -0.98 26.88
C ILE B 51 -1.73 -2.11 27.62
N ARG B 52 -1.41 -1.85 28.87
CA ARG B 52 -0.64 -2.81 29.62
C ARG B 52 -1.51 -3.82 30.33
N LEU B 53 -0.98 -4.49 31.39
CA LEU B 53 -1.67 -5.59 32.00
C LEU B 53 -2.63 -5.16 33.11
N LYS B 54 -3.48 -6.07 33.51
CA LYS B 54 -4.30 -5.83 34.67
C LYS B 54 -3.47 -5.30 35.84
N SER B 55 -2.35 -6.00 36.14
CA SER B 55 -1.47 -5.60 37.21
C SER B 55 -0.83 -4.25 37.00
N ASN B 56 -0.96 -3.67 35.78
CA ASN B 56 -0.46 -2.32 35.53
C ASN B 56 -1.62 -1.32 35.64
N ASN B 57 -2.78 -1.86 36.08
CA ASN B 57 -4.03 -1.07 36.23
C ASN B 57 -4.64 -0.77 34.86
N TYR B 58 -4.31 -1.61 33.87
CA TYR B 58 -4.73 -1.35 32.46
C TYR B 58 -4.23 0.04 31.97
N ALA B 59 -2.96 0.37 32.33
CA ALA B 59 -2.35 1.63 31.94
C ALA B 59 -2.15 1.71 30.39
N THR B 60 -2.13 2.92 29.85
CA THR B 60 -2.12 3.09 28.40
C THR B 60 -1.21 4.20 27.99
N HIS B 61 -0.82 4.18 26.72
CA HIS B 61 -0.10 5.34 26.15
C HIS B 61 -0.62 5.50 24.74
N TYR B 62 -0.56 6.72 24.24
CA TYR B 62 -1.17 7.10 22.97
C TYR B 62 -0.25 7.91 22.15
N ALA B 63 -0.32 7.78 20.84
CA ALA B 63 0.47 8.67 19.98
C ALA B 63 -0.13 10.03 20.07
N GLU B 64 0.71 11.06 19.96
CA GLU B 64 0.24 12.44 20.06
C GLU B 64 -0.90 12.77 19.08
N SER B 65 -0.92 12.14 17.91
CA SER B 65 -1.92 12.47 16.87
C SER B 65 -3.31 11.93 17.20
N VAL B 66 -3.39 11.22 18.29
CA VAL B 66 -4.58 10.49 18.60
C VAL B 66 -5.03 10.76 20.03
N LYS B 67 -4.15 11.36 20.78
CA LYS B 67 -4.42 11.65 22.15
C LYS B 67 -5.66 12.52 22.27
N GLY B 68 -6.53 12.16 23.20
CA GLY B 68 -7.76 12.92 23.41
C GLY B 68 -8.93 12.51 22.50
N ARG B 69 -8.67 11.74 21.43
CA ARG B 69 -9.73 11.28 20.55
C ARG B 69 -9.89 9.78 20.57
N PHE B 70 -8.78 9.06 20.79
CA PHE B 70 -8.88 7.59 20.82
C PHE B 70 -8.67 7.04 22.24
N THR B 71 -9.29 5.88 22.53
CA THR B 71 -9.18 5.23 23.84
C THR B 71 -9.06 3.71 23.65
N ILE B 72 -7.95 3.13 24.07
CA ILE B 72 -7.77 1.72 23.97
C ILE B 72 -8.22 1.09 25.31
N SER B 73 -8.78 -0.09 25.27
CA SER B 73 -9.20 -0.75 26.48
C SER B 73 -9.16 -2.25 26.27
N ARG B 74 -9.24 -3.05 27.33
CA ARG B 74 -9.21 -4.49 27.13
C ARG B 74 -10.14 -5.21 28.07
N ASP B 75 -10.53 -6.36 27.68
CA ASP B 75 -11.30 -7.16 28.52
C ASP B 75 -10.72 -8.56 28.45
N ASP B 76 -9.98 -8.90 29.46
CA ASP B 76 -9.34 -10.16 29.47
C ASP B 76 -10.36 -11.22 29.56
N SER B 77 -11.58 -10.95 30.20
CA SER B 77 -12.64 -12.04 30.25
C SER B 77 -12.92 -12.55 28.85
N LYS B 78 -12.79 -11.62 27.87
CA LYS B 78 -13.13 -11.90 26.48
C LYS B 78 -11.91 -12.09 25.57
N SER B 79 -10.71 -11.99 26.13
CA SER B 79 -9.51 -12.13 25.31
C SER B 79 -9.57 -11.12 24.19
N SER B 80 -9.98 -9.89 24.50
CA SER B 80 -10.19 -8.90 23.46
C SER B 80 -9.61 -7.57 23.83
N VAL B 81 -9.12 -6.85 22.81
CA VAL B 81 -8.66 -5.46 22.98
C VAL B 81 -9.57 -4.61 22.06
N TYR B 82 -9.70 -3.32 22.33
CA TYR B 82 -10.68 -2.50 21.57
C TYR B 82 -10.12 -1.12 21.34
N LEU B 83 -10.63 -0.42 20.31
CA LEU B 83 -10.24 0.99 20.08
C LEU B 83 -11.51 1.83 19.76
N GLN B 84 -11.82 2.71 20.64
CA GLN B 84 -12.92 3.62 20.49
C GLN B 84 -12.38 4.84 19.87
N MET B 85 -12.84 5.17 18.68
CA MET B 85 -12.31 6.37 18.00
C MET B 85 -13.41 7.42 17.88
N ASN B 86 -13.10 8.63 18.26
CA ASN B 86 -14.02 9.73 18.25
C ASN B 86 -13.43 10.86 17.46
N ASN B 87 -14.29 11.77 17.04
CA ASN B 87 -13.83 12.97 16.31
C ASN B 87 -12.85 12.57 15.18
N LEU B 88 -13.25 11.52 14.45
CA LEU B 88 -12.45 10.98 13.36
C LEU B 88 -12.17 12.06 12.27
N ARG B 89 -11.01 11.96 11.66
CA ARG B 89 -10.55 12.87 10.65
C ARG B 89 -10.16 12.07 9.42
N ALA B 90 -10.16 12.67 8.24
CA ALA B 90 -9.78 11.88 7.05
C ALA B 90 -8.36 11.30 7.17
N GLU B 91 -7.49 11.99 7.93
CA GLU B 91 -6.12 11.53 8.15
C GLU B 91 -6.07 10.23 9.00
N ASP B 92 -7.21 9.85 9.61
CA ASP B 92 -7.27 8.60 10.40
C ASP B 92 -7.60 7.42 9.54
N THR B 93 -7.81 7.67 8.29
CA THR B 93 -8.11 6.60 7.35
C THR B 93 -6.93 5.61 7.33
N GLY B 94 -7.22 4.32 7.31
CA GLY B 94 -6.15 3.35 7.20
C GLY B 94 -6.61 2.02 7.63
N ILE B 95 -5.74 0.99 7.50
CA ILE B 95 -6.05 -0.34 7.99
C ILE B 95 -5.56 -0.43 9.43
N TYR B 96 -6.45 -0.83 10.36
CA TYR B 96 -6.09 -0.85 11.77
C TYR B 96 -5.86 -2.27 12.23
N TYR B 97 -4.67 -2.48 12.81
CA TYR B 97 -4.25 -3.81 13.29
C TYR B 97 -4.06 -3.81 14.83
N CYS B 98 -4.50 -4.84 15.52
CA CYS B 98 -4.01 -5.03 16.90
C CYS B 98 -2.79 -5.97 16.78
N THR B 99 -1.79 -5.70 17.55
CA THR B 99 -0.56 -6.50 17.45
C THR B 99 0.15 -6.51 18.79
N GLY B 100 0.84 -7.61 19.14
CA GLY B 100 1.56 -7.62 20.38
C GLY B 100 2.51 -8.77 20.51
N VAL B 101 3.15 -8.83 21.69
CA VAL B 101 4.12 -9.88 22.08
C VAL B 101 5.51 -9.70 21.49
N GLY B 102 6.40 -9.20 22.32
CA GLY B 102 7.84 -9.09 22.00
C GLY B 102 8.35 -8.46 20.67
N GLN B 103 7.96 -7.25 20.26
CA GLN B 103 6.92 -6.46 20.88
C GLN B 103 5.74 -6.37 19.87
N PHE B 104 5.96 -6.91 18.68
CA PHE B 104 4.97 -6.89 17.61
C PHE B 104 5.07 -8.19 16.82
N ALA B 105 5.10 -9.31 17.50
CA ALA B 105 5.22 -10.58 16.85
C ALA B 105 3.94 -11.00 16.20
N TYR B 106 2.81 -10.64 16.85
CA TYR B 106 1.49 -11.05 16.38
C TYR B 106 0.74 -9.85 15.87
N TRP B 107 0.12 -10.03 14.74
CA TRP B 107 -0.65 -8.99 14.04
C TRP B 107 -1.94 -9.62 13.56
N GLY B 108 -3.06 -8.94 13.71
CA GLY B 108 -4.29 -9.48 13.12
C GLY B 108 -4.29 -9.22 11.62
N GLN B 109 -5.41 -9.54 10.96
CA GLN B 109 -5.55 -9.33 9.51
C GLN B 109 -5.79 -7.86 9.16
N GLY B 110 -6.25 -7.07 10.15
CA GLY B 110 -6.49 -5.66 9.94
C GLY B 110 -7.94 -5.39 9.59
N THR B 111 -8.42 -4.22 9.93
CA THR B 111 -9.79 -3.81 9.60
C THR B 111 -9.76 -2.42 9.01
N THR B 112 -10.41 -2.16 7.86
CA THR B 112 -10.29 -0.83 7.26
C THR B 112 -11.29 0.17 7.80
N VAL B 113 -10.76 1.31 8.09
CA VAL B 113 -11.51 2.43 8.56
C VAL B 113 -11.29 3.53 7.55
N THR B 114 -12.36 3.99 6.90
CA THR B 114 -12.27 5.10 5.95
C THR B 114 -13.02 6.28 6.49
N VAL B 115 -12.36 7.40 6.61
CA VAL B 115 -13.02 8.63 7.05
C VAL B 115 -13.13 9.60 5.85
N SER B 116 -14.30 9.74 5.30
CA SER B 116 -14.45 10.64 4.19
C SER B 116 -15.77 11.34 4.23
N SER B 117 -15.79 12.62 3.92
CA SER B 117 -17.07 13.34 3.78
C SER B 117 -17.71 13.21 2.35
N ALA B 118 -17.05 12.47 1.42
CA ALA B 118 -17.53 12.32 0.05
C ALA B 118 -18.81 11.49 -0.02
N LYS B 119 -19.69 11.88 -0.98
CA LYS B 119 -20.95 11.20 -1.19
C LYS B 119 -20.82 10.13 -2.27
N THR B 120 -21.72 9.17 -2.27
CA THR B 120 -21.65 8.13 -3.27
C THR B 120 -21.63 8.78 -4.62
N THR B 121 -20.84 8.26 -5.51
CA THR B 121 -20.67 8.87 -6.82
C THR B 121 -20.34 7.78 -7.82
N PRO B 122 -21.14 7.64 -8.86
CA PRO B 122 -20.90 6.63 -9.87
C PRO B 122 -19.71 7.12 -10.66
N PRO B 123 -18.92 6.23 -11.24
CA PRO B 123 -17.75 6.67 -12.00
C PRO B 123 -18.17 7.17 -13.36
N THR B 124 -17.45 8.15 -13.88
CA THR B 124 -17.65 8.46 -15.28
C THR B 124 -16.65 7.60 -15.97
N VAL B 125 -17.11 6.72 -16.85
CA VAL B 125 -16.19 5.78 -17.52
C VAL B 125 -15.75 6.29 -18.89
N TYR B 126 -14.46 6.19 -19.17
CA TYR B 126 -13.91 6.77 -20.40
C TYR B 126 -13.10 5.76 -21.11
N PRO B 127 -13.32 5.58 -22.38
CA PRO B 127 -12.58 4.60 -23.18
C PRO B 127 -11.19 5.12 -23.44
N LEU B 128 -10.23 4.23 -23.46
CA LEU B 128 -8.87 4.62 -23.78
C LEU B 128 -8.40 3.90 -25.05
N ALA B 129 -8.38 4.66 -26.14
CA ALA B 129 -7.96 4.14 -27.43
C ALA B 129 -6.52 4.52 -27.64
N PRO B 130 -5.80 3.72 -28.39
CA PRO B 130 -4.39 3.97 -28.67
C PRO B 130 -4.13 5.35 -29.28
N GLY B 131 -3.08 5.97 -28.81
CA GLY B 131 -2.71 7.24 -29.32
C GLY B 131 -1.81 7.08 -30.50
N SER B 138 0.26 -6.06 -34.11
CA SER B 138 0.23 -7.51 -33.73
C SER B 138 -0.69 -7.71 -32.50
N MET B 139 -0.39 -6.97 -31.45
CA MET B 139 -1.21 -6.96 -30.25
C MET B 139 -1.52 -5.51 -30.00
N VAL B 140 -2.71 -5.19 -29.53
CA VAL B 140 -3.03 -3.81 -29.24
C VAL B 140 -3.57 -3.67 -27.84
N THR B 141 -3.17 -2.63 -27.13
CA THR B 141 -3.69 -2.42 -25.78
C THR B 141 -4.70 -1.28 -25.69
N LEU B 142 -5.89 -1.66 -25.20
CA LEU B 142 -6.99 -0.75 -24.99
C LEU B 142 -7.25 -0.65 -23.50
N GLY B 143 -7.87 0.41 -23.06
CA GLY B 143 -8.14 0.51 -21.65
C GLY B 143 -9.37 1.30 -21.35
N CYS B 144 -9.64 1.44 -20.08
CA CYS B 144 -10.78 2.18 -19.63
C CYS B 144 -10.42 2.92 -18.40
N LEU B 145 -10.72 4.22 -18.40
CA LEU B 145 -10.57 5.06 -17.20
C LEU B 145 -11.89 5.10 -16.43
N VAL B 146 -11.84 4.73 -15.17
CA VAL B 146 -12.99 4.80 -14.28
C VAL B 146 -12.74 5.96 -13.33
N LYS B 147 -13.29 7.12 -13.70
CA LYS B 147 -12.95 8.35 -13.02
C LYS B 147 -13.99 8.89 -12.03
N GLY B 148 -13.48 9.38 -10.91
CA GLY B 148 -14.27 10.13 -9.93
C GLY B 148 -15.42 9.44 -9.22
N TYR B 149 -15.24 8.19 -8.81
CA TYR B 149 -16.30 7.48 -8.07
C TYR B 149 -16.05 7.52 -6.57
N PHE B 150 -17.06 7.12 -5.81
CA PHE B 150 -16.93 6.96 -4.36
C PHE B 150 -18.18 6.38 -3.85
N PRO B 151 -18.14 5.34 -2.93
CA PRO B 151 -16.94 4.65 -2.39
C PRO B 151 -16.40 3.57 -3.34
N GLU B 152 -15.43 2.77 -2.83
CA GLU B 152 -14.97 1.58 -3.53
C GLU B 152 -15.80 0.41 -3.06
N PRO B 153 -15.81 -0.76 -3.73
CA PRO B 153 -15.11 -1.07 -4.96
C PRO B 153 -15.87 -0.66 -6.25
N VAL B 154 -15.37 -1.27 -7.30
CA VAL B 154 -15.84 -1.15 -8.64
C VAL B 154 -15.40 -2.45 -9.28
N THR B 155 -16.15 -2.97 -10.19
CA THR B 155 -15.76 -4.18 -10.89
C THR B 155 -15.71 -3.91 -12.39
N VAL B 156 -14.60 -4.23 -13.02
CA VAL B 156 -14.40 -3.96 -14.43
C VAL B 156 -14.16 -5.23 -15.24
N THR B 157 -15.02 -5.46 -16.23
CA THR B 157 -14.88 -6.61 -17.12
C THR B 157 -14.70 -6.15 -18.60
N TRP B 158 -14.32 -7.09 -19.46
CA TRP B 158 -14.13 -6.81 -20.85
C TRP B 158 -14.87 -7.83 -21.66
N ASN B 159 -15.66 -7.34 -22.59
CA ASN B 159 -16.59 -8.19 -23.36
C ASN B 159 -17.35 -9.14 -22.44
N SER B 160 -17.90 -8.56 -21.35
CA SER B 160 -18.63 -9.30 -20.34
C SER B 160 -17.80 -10.42 -19.66
N GLY B 161 -16.49 -10.31 -19.71
CA GLY B 161 -15.69 -11.33 -19.10
C GLY B 161 -15.23 -12.41 -20.08
N SER B 162 -15.67 -12.31 -21.34
CA SER B 162 -15.24 -13.25 -22.36
C SER B 162 -13.77 -12.96 -22.68
N LEU B 163 -13.39 -11.68 -22.55
CA LEU B 163 -12.00 -11.31 -22.65
C LEU B 163 -11.44 -11.43 -21.25
N ALA B 164 -10.93 -12.62 -20.95
CA ALA B 164 -10.40 -12.93 -19.61
C ALA B 164 -8.87 -12.77 -19.57
N SER B 165 -8.21 -13.39 -20.53
CA SER B 165 -6.76 -13.28 -20.64
C SER B 165 -6.36 -11.90 -21.17
N GLY B 166 -5.20 -11.43 -20.75
CA GLY B 166 -4.71 -10.15 -21.26
C GLY B 166 -5.23 -8.91 -20.56
N VAL B 167 -5.91 -9.12 -19.41
CA VAL B 167 -6.49 -8.02 -18.66
C VAL B 167 -5.59 -7.56 -17.53
N HIS B 168 -5.57 -6.29 -17.29
CA HIS B 168 -4.82 -5.73 -16.20
C HIS B 168 -5.63 -4.69 -15.54
N THR B 169 -5.97 -4.86 -14.29
CA THR B 169 -6.65 -3.78 -13.61
C THR B 169 -5.80 -3.27 -12.49
N PHE B 170 -5.66 -1.96 -12.44
CA PHE B 170 -4.76 -1.26 -11.52
C PHE B 170 -5.52 -0.69 -10.29
N PRO B 171 -4.75 -0.31 -9.20
CA PRO B 171 -5.29 0.24 -7.94
C PRO B 171 -5.86 1.65 -8.08
N ALA B 172 -6.91 1.90 -7.28
CA ALA B 172 -7.57 3.19 -7.24
C ALA B 172 -6.65 4.22 -6.67
N VAL B 173 -6.75 5.41 -7.21
CA VAL B 173 -6.00 6.51 -6.70
C VAL B 173 -7.05 7.45 -6.16
N LEU B 174 -6.72 8.15 -5.10
CA LEU B 174 -7.60 9.17 -4.55
C LEU B 174 -7.16 10.52 -5.07
N GLN B 175 -7.98 11.13 -5.90
CA GLN B 175 -7.67 12.45 -6.37
C GLN B 175 -8.95 13.29 -6.43
N SER B 176 -9.05 14.20 -5.45
CA SER B 176 -10.20 15.13 -5.34
C SER B 176 -11.33 14.55 -4.47
N ASP B 177 -10.91 13.80 -3.42
CA ASP B 177 -11.83 13.10 -2.53
C ASP B 177 -12.52 11.95 -3.25
N LEU B 178 -12.16 11.71 -4.51
CA LEU B 178 -12.81 10.66 -5.28
C LEU B 178 -11.77 9.71 -5.81
N TYR B 179 -12.14 8.47 -5.98
CA TYR B 179 -11.22 7.45 -6.49
C TYR B 179 -11.24 7.32 -8.03
N THR B 180 -10.08 6.96 -8.57
CA THR B 180 -9.94 6.73 -10.00
C THR B 180 -9.11 5.48 -10.21
N LEU B 181 -9.57 4.59 -11.05
CA LEU B 181 -8.69 3.48 -11.41
C LEU B 181 -8.75 3.23 -12.90
N SER B 182 -8.00 2.29 -13.39
CA SER B 182 -7.98 1.97 -14.80
C SER B 182 -7.87 0.49 -14.98
N SER B 183 -8.21 0.07 -16.16
CA SER B 183 -8.07 -1.29 -16.57
C SER B 183 -7.62 -1.25 -18.01
N SER B 184 -7.02 -2.31 -18.45
CA SER B 184 -6.56 -2.41 -19.83
C SER B 184 -6.70 -3.86 -20.32
N VAL B 185 -6.91 -4.07 -21.64
CA VAL B 185 -6.88 -5.39 -22.28
C VAL B 185 -5.93 -5.33 -23.43
N THR B 186 -5.26 -6.45 -23.68
CA THR B 186 -4.43 -6.58 -24.85
C THR B 186 -5.03 -7.66 -25.68
N VAL B 187 -5.33 -7.30 -26.93
CA VAL B 187 -5.95 -8.19 -27.90
C VAL B 187 -5.15 -8.16 -29.19
N PRO B 188 -5.27 -9.16 -30.06
CA PRO B 188 -4.55 -9.17 -31.31
C PRO B 188 -5.09 -8.01 -32.11
N SER B 189 -4.23 -7.22 -32.67
CA SER B 189 -4.68 -6.09 -33.48
C SER B 189 -5.58 -6.54 -34.64
N SER B 190 -5.54 -7.82 -35.01
CA SER B 190 -6.40 -8.30 -36.08
C SER B 190 -7.89 -8.28 -35.65
N THR B 191 -8.17 -8.09 -34.35
CA THR B 191 -9.55 -8.19 -33.85
C THR B 191 -10.11 -6.84 -33.34
N TRP B 192 -9.29 -5.81 -33.45
CA TRP B 192 -9.70 -4.48 -33.11
C TRP B 192 -8.92 -3.54 -33.99
N PRO B 193 -9.59 -2.56 -34.56
CA PRO B 193 -11.03 -2.32 -34.37
C PRO B 193 -12.03 -3.05 -35.24
N SER B 194 -11.68 -4.16 -35.86
CA SER B 194 -12.69 -4.88 -36.67
C SER B 194 -13.81 -5.41 -35.80
N GLU B 195 -13.45 -5.87 -34.56
CA GLU B 195 -14.45 -6.37 -33.58
C GLU B 195 -14.55 -5.44 -32.41
N THR B 196 -15.66 -5.55 -31.72
CA THR B 196 -15.95 -4.67 -30.63
C THR B 196 -15.26 -5.05 -29.36
N VAL B 197 -14.69 -4.05 -28.71
CA VAL B 197 -14.16 -4.23 -27.39
C VAL B 197 -14.85 -3.21 -26.46
N THR B 198 -15.54 -3.72 -25.48
CA THR B 198 -16.28 -2.91 -24.55
C THR B 198 -15.86 -3.28 -23.15
N CYS B 199 -15.74 -2.29 -22.28
CA CYS B 199 -15.52 -2.58 -20.89
C CYS B 199 -16.81 -2.34 -20.13
N ASN B 200 -17.05 -3.19 -19.17
CA ASN B 200 -18.27 -3.18 -18.36
C ASN B 200 -17.90 -2.81 -16.95
N VAL B 201 -18.32 -1.64 -16.48
CA VAL B 201 -17.97 -1.19 -15.16
C VAL B 201 -19.17 -1.15 -14.23
N ALA B 202 -19.04 -1.82 -13.07
CA ALA B 202 -20.12 -1.85 -12.08
C ALA B 202 -19.68 -1.17 -10.82
N HIS B 203 -20.54 -0.31 -10.30
CA HIS B 203 -20.28 0.35 -9.05
C HIS B 203 -21.46 0.08 -8.12
N PRO B 204 -21.42 -1.09 -7.41
CA PRO B 204 -22.48 -1.51 -6.51
C PRO B 204 -23.07 -0.35 -5.72
N ALA B 205 -22.25 0.49 -5.11
CA ALA B 205 -22.76 1.58 -4.27
C ALA B 205 -23.78 2.50 -4.98
N SER B 206 -23.45 2.95 -6.19
CA SER B 206 -24.37 3.80 -6.96
C SER B 206 -25.40 2.94 -7.66
N SER B 207 -25.31 1.65 -7.46
CA SER B 207 -26.15 0.70 -8.19
C SER B 207 -26.08 0.95 -9.72
N THR B 208 -24.87 1.17 -10.25
CA THR B 208 -24.76 1.39 -11.68
C THR B 208 -23.89 0.35 -12.37
N LYS B 209 -24.18 0.15 -13.66
CA LYS B 209 -23.46 -0.81 -14.49
C LYS B 209 -23.40 -0.25 -15.92
N VAL B 210 -22.24 0.31 -16.27
CA VAL B 210 -22.07 0.96 -17.55
C VAL B 210 -21.12 0.19 -18.51
N ASP B 211 -21.46 0.25 -19.80
CA ASP B 211 -20.64 -0.30 -20.86
C ASP B 211 -20.06 0.83 -21.65
N ALA B 212 -18.77 0.70 -22.03
CA ALA B 212 -18.13 1.67 -22.91
C ALA B 212 -17.33 0.95 -24.00
N LYS B 213 -17.77 1.20 -25.25
CA LYS B 213 -17.09 0.62 -26.43
C LYS B 213 -15.82 1.40 -26.77
N ILE B 214 -14.73 0.69 -27.01
CA ILE B 214 -13.49 1.37 -27.37
C ILE B 214 -13.50 1.51 -28.91
N VAL B 215 -13.47 2.76 -29.32
CA VAL B 215 -13.51 3.15 -30.74
C VAL B 215 -12.21 3.89 -31.09
N PRO B 216 -11.62 3.66 -32.28
CA PRO B 216 -10.35 4.33 -32.68
C PRO B 216 -10.48 5.85 -32.70
N ARG B 217 -9.40 6.56 -32.35
CA ARG B 217 -9.39 8.02 -32.44
C ARG B 217 -8.99 8.48 -33.85
N SER C 2 12.21 3.68 30.60
CA SER C 2 11.22 2.59 30.91
C SER C 2 11.03 1.71 29.66
N ALA C 3 10.90 0.39 29.87
CA ALA C 3 10.84 -0.58 28.78
C ALA C 3 9.42 -0.91 28.30
N PRO C 4 9.35 -1.45 27.06
CA PRO C 4 8.11 -1.91 26.45
C PRO C 4 7.79 -3.29 27.01
N ASP C 5 6.91 -4.05 26.42
CA ASP C 5 6.60 -5.31 26.97
C ASP C 5 7.69 -6.33 26.61
N THR C 6 8.59 -6.60 27.55
CA THR C 6 9.69 -7.51 27.30
C THR C 6 9.43 -8.93 27.78
N ARG C 7 8.17 -9.28 28.08
CA ARG C 7 7.93 -10.64 28.51
C ARG C 7 8.12 -11.60 27.35
N PRO C 8 8.68 -12.81 27.61
CA PRO C 8 8.89 -13.81 26.57
C PRO C 8 7.57 -14.31 26.00
N ALA C 9 7.58 -14.37 24.66
CA ALA C 9 6.48 -14.83 23.87
C ALA C 9 6.22 -16.31 24.12
N PRO C 10 5.01 -16.78 23.93
CA PRO C 10 4.73 -18.19 24.06
C PRO C 10 5.60 -19.01 23.04
#